data_3SAO
#
_entry.id   3SAO
#
_cell.length_a   37.950
_cell.length_b   68.890
_cell.length_c   117.400
_cell.angle_alpha   90.000
_cell.angle_beta   90.000
_cell.angle_gamma   90.000
#
_symmetry.space_group_name_H-M   'P 21 21 21'
#
loop_
_entity.id
_entity.type
_entity.pdbx_description
1 polymer 'Extracellular fatty acid-binding protein'
2 non-polymer '(2R)-2-hydroxy-3-(phosphonooxy)propyl tetradecanoate'
3 non-polymer '2,3-DIHYDROXY-BENZOIC ACID'
4 non-polymer 'FE (III) ION'
5 non-polymer GLYCEROL
6 water water
#
_entity_poly.entity_id   1
_entity_poly.type   'polypeptide(L)'
_entity_poly.pdbx_seq_one_letter_code
;TVPDRSEVAGKWYIVALASNTDFFLAEKGKMKMVMARISFLGEDELEVSYAAPSPKGCRKWETTFKKTSDDGEVYYSEEA
EKTVEVLDTDYKSYAVIFATRVKDGRTLHMMRLYSRSREVSPTAMAIFRKLARERNYTDEMVAVLPSQAACSVDEVLVPR
;
_entity_poly.pdbx_strand_id   A,B
#
# COMPACT_ATOMS: atom_id res chain seq x y z
N SER A 6 13.35 12.92 -8.25
CA SER A 6 14.49 13.28 -9.14
C SER A 6 15.71 12.39 -8.85
N GLU A 7 15.86 12.01 -7.58
CA GLU A 7 17.03 11.24 -7.11
C GLU A 7 17.05 9.82 -7.64
N VAL A 8 15.97 9.42 -8.30
CA VAL A 8 15.78 8.03 -8.74
C VAL A 8 16.52 7.68 -10.06
N ALA A 9 17.08 8.67 -10.76
CA ALA A 9 17.79 8.38 -12.01
C ALA A 9 19.03 7.52 -11.76
N GLY A 10 19.29 6.62 -12.71
CA GLY A 10 20.54 5.89 -12.74
C GLY A 10 20.35 4.43 -12.45
N LYS A 11 21.40 3.82 -11.95
CA LYS A 11 21.52 2.36 -11.91
C LYS A 11 20.84 1.76 -10.67
N TRP A 12 20.01 0.74 -10.91
CA TRP A 12 19.31 -0.03 -9.87
C TRP A 12 19.49 -1.51 -10.14
N TYR A 13 19.21 -2.34 -9.13
CA TYR A 13 19.10 -3.77 -9.28
C TYR A 13 17.73 -4.22 -8.82
N ILE A 14 17.14 -5.18 -9.50
CA ILE A 14 15.95 -5.87 -9.06
C ILE A 14 16.42 -7.12 -8.31
N VAL A 15 16.17 -7.13 -7.00
CA VAL A 15 16.87 -8.06 -6.10
C VAL A 15 15.90 -9.07 -5.49
N ALA A 16 14.60 -8.87 -5.67
CA ALA A 16 13.61 -9.88 -5.23
C ALA A 16 12.32 -9.67 -5.99
N LEU A 17 11.55 -10.75 -6.05
CA LEU A 17 10.33 -10.89 -6.80
C LEU A 17 9.34 -11.66 -5.97
N ALA A 18 8.07 -11.39 -6.20
CA ALA A 18 7.02 -12.19 -5.61
C ALA A 18 5.91 -12.42 -6.62
N SER A 19 5.47 -13.67 -6.74
CA SER A 19 4.39 -14.03 -7.68
C SER A 19 3.88 -15.43 -7.38
N ASN A 20 2.71 -15.77 -7.91
CA ASN A 20 2.10 -17.08 -7.65
C ASN A 20 1.86 -17.93 -8.91
N THR A 21 2.49 -17.61 -10.03
CA THR A 21 2.35 -18.44 -11.22
C THR A 21 3.13 -19.74 -11.06
N ASP A 22 2.62 -20.81 -11.66
CA ASP A 22 3.40 -22.06 -11.76
C ASP A 22 4.71 -21.78 -12.51
N PHE A 23 4.64 -20.89 -13.51
CA PHE A 23 5.80 -20.59 -14.33
C PHE A 23 6.91 -19.98 -13.50
N PHE A 24 6.53 -19.00 -12.68
CA PHE A 24 7.45 -18.39 -11.71
C PHE A 24 7.87 -19.41 -10.66
N LEU A 25 6.89 -20.14 -10.13
CA LEU A 25 7.15 -21.14 -9.10
C LEU A 25 8.15 -22.20 -9.56
N ALA A 26 8.11 -22.54 -10.84
CA ALA A 26 8.93 -23.63 -11.38
C ALA A 26 10.29 -23.14 -11.85
N GLU A 27 10.38 -21.83 -12.10
CA GLU A 27 11.59 -21.25 -12.66
C GLU A 27 12.27 -20.23 -11.73
N LYS A 28 11.67 -19.94 -10.58
CA LYS A 28 12.23 -18.89 -9.70
C LYS A 28 13.63 -19.27 -9.22
N GLY A 29 13.88 -20.57 -9.08
CA GLY A 29 15.21 -21.03 -8.70
C GLY A 29 16.30 -20.80 -9.73
N LYS A 30 15.91 -20.52 -10.97
CA LYS A 30 16.85 -20.24 -12.06
C LYS A 30 17.14 -18.75 -12.22
N MET A 31 16.32 -17.91 -11.57
CA MET A 31 16.30 -16.50 -11.86
C MET A 31 17.45 -15.79 -11.15
N LYS A 32 17.98 -14.78 -11.82
CA LYS A 32 19.12 -14.01 -11.32
C LYS A 32 18.71 -12.54 -11.24
N MET A 33 19.48 -11.80 -10.47
CA MET A 33 19.32 -10.37 -10.33
C MET A 33 19.37 -9.62 -11.66
N VAL A 34 18.41 -8.71 -11.82
CA VAL A 34 18.29 -7.91 -13.04
C VAL A 34 18.89 -6.53 -12.81
N MET A 35 19.75 -6.10 -13.72
CA MET A 35 20.27 -4.73 -13.67
C MET A 35 19.30 -3.82 -14.45
N ALA A 36 19.07 -2.65 -13.89
CA ALA A 36 18.19 -1.67 -14.54
C ALA A 36 18.85 -0.29 -14.56
N ARG A 37 18.51 0.51 -15.56
CA ARG A 37 18.78 1.94 -15.48
C ARG A 37 17.52 2.74 -15.74
N ILE A 38 17.29 3.74 -14.91
CA ILE A 38 16.12 4.60 -15.05
C ILE A 38 16.56 5.96 -15.56
N SER A 39 15.88 6.46 -16.60
CA SER A 39 16.08 7.78 -17.20
C SER A 39 14.74 8.50 -17.35
N PHE A 40 14.73 9.80 -17.05
CA PHE A 40 13.52 10.59 -17.09
C PHE A 40 13.45 11.39 -18.40
N LEU A 41 12.25 11.49 -18.97
CA LEU A 41 11.95 12.59 -19.89
C LEU A 41 10.91 13.48 -19.27
N GLY A 42 11.34 14.68 -18.95
CA GLY A 42 10.43 15.68 -18.42
C GLY A 42 9.85 15.21 -17.11
N GLU A 43 8.55 15.44 -16.94
CA GLU A 43 7.86 15.30 -15.68
C GLU A 43 7.18 13.94 -15.51
N ASP A 44 6.60 13.40 -16.58
CA ASP A 44 5.66 12.27 -16.43
C ASP A 44 6.18 10.96 -17.05
N GLU A 45 7.32 10.98 -17.69
CA GLU A 45 7.77 9.82 -18.47
C GLU A 45 9.15 9.33 -18.04
N LEU A 46 9.30 8.02 -17.93
CA LEU A 46 10.62 7.43 -17.69
C LEU A 46 10.80 6.20 -18.52
N GLU A 47 12.05 5.91 -18.86
CA GLU A 47 12.37 4.72 -19.62
C GLU A 47 13.27 3.90 -18.72
N VAL A 48 12.90 2.65 -18.53
CA VAL A 48 13.72 1.69 -17.82
C VAL A 48 14.46 0.78 -18.81
N SER A 49 15.78 0.67 -18.64
CA SER A 49 16.58 -0.25 -19.43
C SER A 49 16.97 -1.43 -18.56
N TYR A 50 16.72 -2.66 -19.02
CA TYR A 50 16.97 -3.83 -18.20
C TYR A 50 18.03 -4.70 -18.86
N ALA A 51 18.73 -5.46 -18.03
CA ALA A 51 19.67 -6.50 -18.44
C ALA A 51 19.54 -7.69 -17.47
N ALA A 52 19.17 -8.84 -18.02
CA ALA A 52 18.99 -10.07 -17.23
C ALA A 52 19.53 -11.31 -17.96
N PRO A 53 20.30 -12.17 -17.26
CA PRO A 53 20.70 -13.43 -17.86
C PRO A 53 19.52 -14.31 -18.21
N SER A 54 19.76 -15.24 -19.13
CA SER A 54 18.80 -16.29 -19.46
C SER A 54 19.51 -17.43 -20.15
N PRO A 55 18.86 -18.62 -20.26
CA PRO A 55 19.48 -19.78 -20.96
C PRO A 55 19.74 -19.52 -22.45
N LYS A 56 19.15 -18.46 -22.97
CA LYS A 56 19.42 -17.99 -24.33
C LYS A 56 20.39 -16.82 -24.34
N GLY A 57 20.98 -16.50 -23.19
CA GLY A 57 21.95 -15.37 -23.07
C GLY A 57 21.38 -14.11 -22.46
N CYS A 58 22.26 -13.11 -22.27
CA CYS A 58 21.87 -11.85 -21.66
CA CYS A 58 21.89 -11.80 -21.75
C CYS A 58 20.77 -11.22 -22.51
N ARG A 59 19.67 -10.89 -21.85
CA ARG A 59 18.57 -10.24 -22.53
C ARG A 59 18.56 -8.78 -22.14
N LYS A 60 18.46 -7.90 -23.13
CA LYS A 60 18.46 -6.49 -22.88
C LYS A 60 17.24 -5.88 -23.56
N TRP A 61 16.49 -5.06 -22.83
CA TRP A 61 15.26 -4.45 -23.35
C TRP A 61 14.92 -3.19 -22.56
N GLU A 62 14.05 -2.38 -23.14
CA GLU A 62 13.58 -1.14 -22.52
C GLU A 62 12.06 -1.05 -22.54
N THR A 63 11.56 -0.43 -21.49
CA THR A 63 10.16 -0.09 -21.36
C THR A 63 10.03 1.34 -20.92
N THR A 64 9.02 2.04 -21.46
CA THR A 64 8.78 3.42 -21.17
C THR A 64 7.44 3.52 -20.48
N PHE A 65 7.46 4.17 -19.33
CA PHE A 65 6.28 4.36 -18.51
C PHE A 65 5.90 5.81 -18.42
N LYS A 66 4.60 6.05 -18.41
CA LYS A 66 4.06 7.39 -18.30
C LYS A 66 3.12 7.45 -17.10
N LYS A 67 3.27 8.48 -16.28
CA LYS A 67 2.39 8.79 -15.14
C LYS A 67 1.13 9.43 -15.70
N GLU A 73 1.84 8.07 -8.43
CA GLU A 73 2.72 6.90 -8.27
C GLU A 73 2.21 5.66 -8.99
N VAL A 74 1.30 5.84 -9.94
CA VAL A 74 0.98 4.80 -10.90
C VAL A 74 1.54 5.22 -12.25
N TYR A 75 2.22 4.30 -12.92
CA TYR A 75 2.73 4.55 -14.25
C TYR A 75 2.30 3.42 -15.16
N TYR A 76 2.20 3.72 -16.45
CA TYR A 76 1.64 2.82 -17.46
C TYR A 76 2.49 2.78 -18.73
N SER A 77 2.71 1.56 -19.25
CA SER A 77 3.34 1.32 -20.55
C SER A 77 2.33 0.68 -21.52
N GLU A 78 2.02 1.36 -22.64
CA GLU A 78 1.10 0.80 -23.61
C GLU A 78 1.70 -0.38 -24.37
N GLU A 79 2.99 -0.34 -24.68
CA GLU A 79 3.66 -1.46 -25.37
C GLU A 79 3.43 -2.81 -24.70
N ALA A 80 3.77 -2.86 -23.42
CA ALA A 80 3.73 -4.08 -22.64
C ALA A 80 2.38 -4.27 -21.95
N GLU A 81 1.45 -3.34 -22.16
CA GLU A 81 0.17 -3.39 -21.46
C GLU A 81 0.44 -3.59 -19.96
N LYS A 82 1.24 -2.71 -19.38
CA LYS A 82 1.78 -2.96 -18.07
C LYS A 82 1.57 -1.72 -17.23
N THR A 83 1.03 -1.95 -16.05
CA THR A 83 0.77 -0.91 -15.06
C THR A 83 1.72 -1.18 -13.91
N VAL A 84 2.38 -0.14 -13.39
CA VAL A 84 3.24 -0.26 -12.23
C VAL A 84 2.90 0.74 -11.15
N GLU A 85 2.84 0.25 -9.92
CA GLU A 85 2.52 1.07 -8.73
C GLU A 85 3.70 1.01 -7.79
N VAL A 86 4.07 2.17 -7.28
CA VAL A 86 5.10 2.26 -6.28
C VAL A 86 4.37 2.14 -4.95
N LEU A 87 4.66 1.07 -4.23
CA LEU A 87 4.00 0.81 -2.95
C LEU A 87 4.74 1.43 -1.78
N ASP A 88 6.05 1.57 -1.94
CA ASP A 88 6.92 2.09 -0.91
C ASP A 88 8.25 2.39 -1.52
N THR A 89 8.85 3.50 -1.09
CA THR A 89 10.19 3.87 -1.49
C THR A 89 10.77 5.04 -0.68
N ASP A 90 12.09 5.02 -0.50
CA ASP A 90 12.78 6.17 0.09
C ASP A 90 13.39 7.07 -0.98
N TYR A 91 13.17 6.72 -2.26
CA TYR A 91 13.60 7.52 -3.42
C TYR A 91 15.10 7.59 -3.56
N LYS A 92 15.82 6.69 -2.88
CA LYS A 92 17.27 6.77 -2.71
C LYS A 92 17.97 5.41 -2.71
N SER A 93 17.38 4.46 -2.00
CA SER A 93 17.99 3.19 -1.59
C SER A 93 17.25 1.96 -2.14
N TYR A 94 15.92 2.01 -2.11
CA TYR A 94 15.07 0.88 -2.46
C TYR A 94 13.71 1.38 -2.95
N ALA A 95 12.96 0.51 -3.61
CA ALA A 95 11.56 0.74 -3.91
C ALA A 95 10.85 -0.62 -4.08
N VAL A 96 9.61 -0.67 -3.62
CA VAL A 96 8.71 -1.80 -3.79
C VAL A 96 7.65 -1.47 -4.84
N ILE A 97 7.64 -2.25 -5.92
CA ILE A 97 6.84 -1.97 -7.11
C ILE A 97 5.87 -3.12 -7.29
N PHE A 98 4.63 -2.80 -7.56
CA PHE A 98 3.70 -3.85 -7.88
C PHE A 98 3.29 -3.67 -9.34
N ALA A 99 3.46 -4.71 -10.14
CA ALA A 99 3.21 -4.69 -11.58
C ALA A 99 2.03 -5.55 -11.97
N THR A 100 1.21 -5.03 -12.87
CA THR A 100 0.09 -5.76 -13.44
C THR A 100 0.13 -5.67 -14.95
N ARG A 101 0.17 -6.83 -15.61
CA ARG A 101 0.32 -6.94 -17.04
C ARG A 101 -0.81 -7.76 -17.66
N VAL A 102 -1.23 -7.36 -18.85
CA VAL A 102 -2.25 -8.12 -19.59
C VAL A 102 -1.62 -8.74 -20.82
N LYS A 103 -1.60 -10.08 -20.86
CA LYS A 103 -0.95 -10.80 -21.96
C LYS A 103 -1.88 -11.87 -22.54
N ASP A 104 -2.50 -11.55 -23.68
CA ASP A 104 -3.40 -12.48 -24.37
C ASP A 104 -4.61 -12.80 -23.49
N GLY A 105 -5.32 -11.76 -23.08
CA GLY A 105 -6.47 -11.93 -22.19
C GLY A 105 -6.14 -12.11 -20.72
N ARG A 106 -4.90 -12.47 -20.41
CA ARG A 106 -4.55 -12.89 -19.05
C ARG A 106 -3.87 -11.77 -18.26
N THR A 107 -4.45 -11.44 -17.10
CA THR A 107 -3.80 -10.52 -16.15
C THR A 107 -2.77 -11.22 -15.26
N LEU A 108 -1.50 -10.82 -15.36
CA LEU A 108 -0.41 -11.30 -14.53
C LEU A 108 0.03 -10.24 -13.52
N HIS A 109 0.40 -10.63 -12.31
CA HIS A 109 0.86 -9.70 -11.31
C HIS A 109 2.22 -10.17 -10.82
N MET A 110 3.06 -9.21 -10.48
CA MET A 110 4.32 -9.51 -9.81
C MET A 110 4.74 -8.33 -8.96
N MET A 111 5.31 -8.61 -7.81
CA MET A 111 5.96 -7.61 -7.01
C MET A 111 7.44 -7.70 -7.24
N ARG A 112 8.07 -6.54 -7.30
CA ARG A 112 9.52 -6.46 -7.44
C ARG A 112 10.17 -5.53 -6.39
N LEU A 113 11.35 -5.89 -5.91
CA LEU A 113 12.12 -5.00 -5.02
C LEU A 113 13.33 -4.47 -5.79
N TYR A 114 13.34 -3.15 -6.02
CA TYR A 114 14.49 -2.44 -6.53
C TYR A 114 15.42 -2.04 -5.37
N SER A 115 16.73 -2.21 -5.57
CA SER A 115 17.74 -1.73 -4.63
C SER A 115 18.89 -1.00 -5.38
N ARG A 116 19.49 0.05 -4.79
CA ARG A 116 20.67 0.68 -5.41
C ARG A 116 21.90 -0.17 -5.25
N SER A 117 21.97 -0.90 -4.15
CA SER A 117 23.06 -1.84 -3.93
C SER A 117 22.59 -3.27 -4.22
N ARG A 118 23.50 -4.09 -4.74
CA ARG A 118 23.18 -5.50 -4.98
C ARG A 118 23.04 -6.27 -3.68
N GLU A 119 23.54 -5.68 -2.59
CA GLU A 119 23.33 -6.20 -1.25
C GLU A 119 22.16 -5.49 -0.61
N VAL A 120 21.01 -6.14 -0.61
CA VAL A 120 19.78 -5.48 -0.17
C VAL A 120 19.81 -5.28 1.34
N SER A 121 19.36 -4.11 1.78
CA SER A 121 19.30 -3.83 3.20
C SER A 121 18.20 -4.66 3.86
N PRO A 122 18.45 -5.14 5.09
CA PRO A 122 17.42 -5.81 5.88
C PRO A 122 16.11 -5.05 5.91
N THR A 123 16.21 -3.72 6.00
CA THR A 123 15.06 -2.84 6.15
C THR A 123 14.15 -2.93 4.92
N ALA A 124 14.75 -2.75 3.77
CA ALA A 124 14.08 -2.87 2.49
C ALA A 124 13.46 -4.25 2.31
N MET A 125 14.22 -5.30 2.63
CA MET A 125 13.68 -6.66 2.45
C MET A 125 12.46 -6.87 3.34
N ALA A 126 12.55 -6.38 4.57
CA ALA A 126 11.45 -6.50 5.54
C ALA A 126 10.16 -5.83 5.04
N ILE A 127 10.27 -4.64 4.44
CA ILE A 127 9.08 -3.94 3.91
C ILE A 127 8.49 -4.70 2.73
N PHE A 128 9.37 -5.19 1.86
CA PHE A 128 8.92 -5.99 0.71
C PHE A 128 8.11 -7.23 1.17
N ARG A 129 8.69 -7.99 2.10
CA ARG A 129 8.05 -9.21 2.62
C ARG A 129 6.70 -8.90 3.31
N LYS A 130 6.67 -7.83 4.10
CA LYS A 130 5.43 -7.31 4.67
C LYS A 130 4.35 -7.00 3.64
N LEU A 131 4.68 -6.19 2.65
CA LEU A 131 3.70 -5.86 1.64
C LEU A 131 3.31 -7.06 0.76
N ALA A 132 4.27 -7.94 0.44
CA ALA A 132 3.97 -9.22 -0.23
C ALA A 132 2.98 -10.04 0.58
N ARG A 133 3.26 -10.23 1.86
CA ARG A 133 2.36 -11.02 2.69
C ARG A 133 0.94 -10.45 2.75
N GLU A 134 0.81 -9.13 2.67
CA GLU A 134 -0.49 -8.47 2.62
C GLU A 134 -1.29 -8.79 1.37
N ARG A 135 -0.64 -9.23 0.31
CA ARG A 135 -1.35 -9.64 -0.90
C ARG A 135 -1.44 -11.17 -0.95
N ASN A 136 -1.19 -11.81 0.18
CA ASN A 136 -1.17 -13.29 0.34
C ASN A 136 -0.18 -14.00 -0.58
N TYR A 137 0.96 -13.39 -0.85
CA TYR A 137 2.11 -14.17 -1.29
C TYR A 137 2.66 -14.95 -0.09
N THR A 138 2.91 -16.23 -0.30
CA THR A 138 3.62 -17.04 0.68
C THR A 138 5.13 -16.90 0.52
N ASP A 139 5.86 -17.52 1.42
CA ASP A 139 7.32 -17.53 1.36
C ASP A 139 7.84 -18.31 0.16
N GLU A 140 7.09 -19.31 -0.29
CA GLU A 140 7.50 -20.06 -1.46
C GLU A 140 7.34 -19.20 -2.71
N MET A 141 6.56 -18.12 -2.60
CA MET A 141 6.31 -17.23 -3.74
C MET A 141 7.26 -16.01 -3.82
N VAL A 142 8.20 -15.93 -2.90
CA VAL A 142 9.22 -14.88 -2.88
C VAL A 142 10.56 -15.46 -3.26
N ALA A 143 11.22 -14.84 -4.25
CA ALA A 143 12.55 -15.19 -4.71
C ALA A 143 13.48 -14.06 -4.37
N VAL A 144 14.53 -14.38 -3.63
CA VAL A 144 15.62 -13.44 -3.44
C VAL A 144 16.65 -13.84 -4.52
N LEU A 145 16.93 -12.94 -5.45
CA LEU A 145 17.69 -13.25 -6.66
C LEU A 145 19.20 -13.25 -6.43
N PRO A 146 19.90 -14.36 -6.78
CA PRO A 146 21.36 -14.40 -6.74
C PRO A 146 21.97 -13.33 -7.67
N SER A 147 23.08 -12.73 -7.23
CA SER A 147 23.81 -11.74 -8.03
C SER A 147 24.31 -12.35 -9.31
N GLN A 148 24.51 -11.51 -10.30
CA GLN A 148 25.12 -11.97 -11.52
C GLN A 148 25.98 -10.83 -12.06
N ALA A 149 27.10 -11.16 -12.66
CA ALA A 149 28.02 -10.12 -13.09
C ALA A 149 28.26 -10.12 -14.59
N ALA A 150 27.51 -10.90 -15.36
CA ALA A 150 27.83 -11.07 -16.78
C ALA A 150 26.89 -10.30 -17.71
N CYS A 151 25.82 -9.76 -17.16
CA CYS A 151 24.79 -9.14 -17.94
CA CYS A 151 24.81 -9.09 -17.98
C CYS A 151 24.53 -7.72 -17.42
N SER A 152 24.93 -6.70 -18.19
CA SER A 152 24.82 -5.28 -17.80
C SER A 152 24.05 -4.45 -18.80
N VAL A 153 23.44 -3.38 -18.32
CA VAL A 153 22.94 -2.39 -19.23
C VAL A 153 24.09 -1.67 -19.93
N ASP A 154 23.78 -1.16 -21.10
CA ASP A 154 24.79 -0.52 -21.93
C ASP A 154 25.13 0.85 -21.38
N GLU A 155 26.30 1.37 -21.72
CA GLU A 155 26.58 2.77 -21.47
C GLU A 155 25.69 3.67 -22.36
N VAL A 156 25.44 4.88 -21.90
CA VAL A 156 24.64 5.82 -22.68
C VAL A 156 25.59 6.65 -23.50
N LEU A 157 25.26 6.87 -24.77
CA LEU A 157 25.98 7.83 -25.56
C LEU A 157 25.02 8.97 -25.79
N VAL A 158 25.47 10.19 -25.52
CA VAL A 158 24.63 11.35 -25.83
C VAL A 158 25.24 12.16 -26.96
N PRO A 159 24.55 12.14 -28.11
CA PRO A 159 24.92 12.93 -29.29
C PRO A 159 25.08 14.39 -28.93
N ARG A 160 26.05 15.05 -29.54
CA ARG A 160 26.26 16.49 -29.37
C ARG A 160 25.14 17.24 -30.10
N SER B 6 -27.86 1.98 5.34
CA SER B 6 -28.59 1.14 6.33
C SER B 6 -28.04 -0.29 6.45
N GLU B 7 -27.67 -0.90 5.33
CA GLU B 7 -26.96 -2.18 5.30
C GLU B 7 -25.60 -2.11 5.99
N VAL B 8 -25.13 -0.88 6.19
CA VAL B 8 -23.84 -0.63 6.80
C VAL B 8 -23.91 -0.58 8.34
N ALA B 9 -25.10 -0.78 8.88
CA ALA B 9 -25.29 -0.82 10.31
C ALA B 9 -24.65 -2.08 10.87
N GLY B 10 -24.38 -2.04 12.16
CA GLY B 10 -23.88 -3.21 12.87
C GLY B 10 -22.40 -3.11 13.19
N LYS B 11 -21.83 -4.28 13.36
CA LYS B 11 -20.46 -4.44 13.88
C LYS B 11 -19.43 -4.30 12.80
N TRP B 12 -18.41 -3.48 13.07
CA TRP B 12 -17.26 -3.34 12.21
C TRP B 12 -16.00 -3.36 13.12
N TYR B 13 -14.87 -3.64 12.51
CA TYR B 13 -13.56 -3.49 13.15
C TYR B 13 -12.78 -2.40 12.40
N ILE B 14 -12.11 -1.55 13.16
CA ILE B 14 -11.17 -0.62 12.63
C ILE B 14 -9.81 -1.29 12.64
N VAL B 15 -9.31 -1.61 11.46
CA VAL B 15 -8.21 -2.57 11.32
C VAL B 15 -6.88 -1.90 10.89
N ALA B 16 -6.97 -0.66 10.44
CA ALA B 16 -5.80 0.08 9.99
C ALA B 16 -6.08 1.54 10.12
N LEU B 17 -5.00 2.28 10.41
CA LEU B 17 -5.03 3.73 10.57
C LEU B 17 -3.87 4.35 9.79
N ALA B 18 -4.09 5.54 9.28
CA ALA B 18 -2.98 6.36 8.73
C ALA B 18 -3.11 7.83 9.09
N SER B 19 -1.98 8.42 9.51
CA SER B 19 -1.99 9.76 10.02
C SER B 19 -0.57 10.22 10.18
N ASN B 20 -0.41 11.52 10.08
CA ASN B 20 0.87 12.14 10.40
C ASN B 20 0.87 13.00 11.66
N THR B 21 -0.15 12.84 12.50
CA THR B 21 -0.23 13.56 13.76
C THR B 21 0.88 13.11 14.70
N ASP B 22 1.55 14.05 15.33
CA ASP B 22 2.76 13.71 16.06
C ASP B 22 2.50 12.67 17.14
N PHE B 23 1.44 12.85 17.92
CA PHE B 23 1.01 11.87 18.93
C PHE B 23 0.73 10.49 18.34
N PHE B 24 0.04 10.43 17.20
CA PHE B 24 -0.22 9.16 16.55
C PHE B 24 1.08 8.47 16.20
N LEU B 25 2.00 9.20 15.59
CA LEU B 25 3.25 8.60 15.17
C LEU B 25 4.06 8.08 16.37
N ALA B 26 3.95 8.77 17.50
CA ALA B 26 4.60 8.38 18.75
C ALA B 26 3.97 7.13 19.37
N GLU B 27 2.64 7.00 19.34
CA GLU B 27 1.99 5.90 20.08
C GLU B 27 1.37 4.78 19.25
N LYS B 28 1.44 4.87 17.92
CA LYS B 28 0.74 3.89 17.06
C LYS B 28 1.11 2.46 17.38
N GLY B 29 2.34 2.23 17.82
CA GLY B 29 2.80 0.88 18.10
C GLY B 29 2.04 0.24 19.24
N LYS B 30 1.39 1.03 20.08
CA LYS B 30 0.68 0.48 21.23
C LYS B 30 -0.79 0.20 20.88
N MET B 31 -1.23 0.63 19.70
CA MET B 31 -2.65 0.64 19.37
C MET B 31 -3.10 -0.73 18.87
N LYS B 32 -4.31 -1.12 19.25
CA LYS B 32 -4.86 -2.40 18.78
C LYS B 32 -6.24 -2.17 18.16
N MET B 33 -6.74 -3.21 17.52
CA MET B 33 -8.00 -3.15 16.77
C MET B 33 -9.16 -2.62 17.62
N VAL B 34 -9.88 -1.70 17.05
CA VAL B 34 -11.00 -1.02 17.72
C VAL B 34 -12.27 -1.65 17.16
N MET B 35 -13.22 -1.98 18.01
CA MET B 35 -14.50 -2.49 17.58
C MET B 35 -15.44 -1.32 17.53
N ALA B 36 -16.26 -1.30 16.50
CA ALA B 36 -17.28 -0.27 16.38
C ALA B 36 -18.62 -0.91 16.11
N ARG B 37 -19.67 -0.24 16.58
CA ARG B 37 -21.00 -0.59 16.17
C ARG B 37 -21.72 0.68 15.67
N ILE B 38 -22.28 0.59 14.46
CA ILE B 38 -23.01 1.66 13.82
C ILE B 38 -24.52 1.46 13.93
N SER B 39 -25.20 2.49 14.44
CA SER B 39 -26.64 2.47 14.76
C SER B 39 -27.28 3.72 14.16
N PHE B 40 -28.34 3.53 13.37
CA PHE B 40 -29.09 4.68 12.87
C PHE B 40 -30.13 5.13 13.88
N LEU B 41 -30.19 6.44 14.11
CA LEU B 41 -31.07 7.05 15.12
C LEU B 41 -32.25 7.65 14.41
N GLY B 42 -32.08 7.83 13.12
CA GLY B 42 -33.20 7.92 12.20
C GLY B 42 -32.63 8.19 10.82
N GLU B 43 -33.39 8.96 10.06
CA GLU B 43 -32.95 9.49 8.78
C GLU B 43 -31.77 10.44 8.97
N ASP B 44 -30.67 10.08 8.32
CA ASP B 44 -29.52 10.97 8.18
C ASP B 44 -28.69 11.13 9.45
N GLU B 45 -28.93 10.30 10.47
CA GLU B 45 -28.21 10.41 11.76
C GLU B 45 -27.84 9.06 12.31
N LEU B 46 -26.59 8.96 12.74
CA LEU B 46 -26.09 7.67 13.21
C LEU B 46 -25.08 7.84 14.32
N GLU B 47 -25.09 6.83 15.17
CA GLU B 47 -24.23 6.79 16.29
C GLU B 47 -23.21 5.74 15.96
N VAL B 48 -21.96 6.02 16.27
CA VAL B 48 -20.95 5.01 16.30
C VAL B 48 -20.54 4.85 17.77
N SER B 49 -20.62 3.60 18.21
CA SER B 49 -20.20 3.15 19.48
C SER B 49 -18.89 2.41 19.32
N TYR B 50 -17.92 2.81 20.11
CA TYR B 50 -16.60 2.23 20.09
C TYR B 50 -16.11 1.56 21.37
N ALA B 51 -15.19 0.63 21.16
CA ALA B 51 -14.44 0.06 22.22
C ALA B 51 -13.01 -0.05 21.76
N ALA B 52 -12.14 0.78 22.34
CA ALA B 52 -10.70 0.80 22.02
C ALA B 52 -9.86 0.37 23.23
N PRO B 53 -8.92 -0.55 23.00
CA PRO B 53 -8.06 -0.88 24.08
C PRO B 53 -7.16 0.34 24.28
N SER B 54 -6.79 0.56 25.52
CA SER B 54 -5.66 1.44 25.87
C SER B 54 -4.84 0.73 26.92
N PRO B 55 -3.68 1.33 27.30
CA PRO B 55 -2.95 0.84 28.46
C PRO B 55 -3.75 0.92 29.74
N LYS B 56 -4.65 1.89 29.84
CA LYS B 56 -5.46 2.07 31.05
C LYS B 56 -6.75 1.23 31.07
N GLY B 57 -6.92 0.33 30.11
CA GLY B 57 -8.11 -0.50 30.05
C GLY B 57 -8.96 -0.20 28.83
N CYS B 58 -10.18 -0.74 28.82
CA CYS B 58 -11.02 -0.67 27.65
C CYS B 58 -11.83 0.62 27.70
N ARG B 59 -11.56 1.47 26.71
CA ARG B 59 -12.21 2.74 26.50
C ARG B 59 -13.45 2.54 25.69
N LYS B 60 -14.55 3.10 26.19
CA LYS B 60 -15.80 3.04 25.46
C LYS B 60 -16.44 4.41 25.43
N TRP B 61 -16.88 4.78 24.23
CA TRP B 61 -17.55 6.04 24.01
C TRP B 61 -18.40 5.93 22.76
N GLU B 62 -19.32 6.89 22.61
CA GLU B 62 -20.11 7.01 21.42
C GLU B 62 -19.90 8.39 20.80
N THR B 63 -20.03 8.46 19.48
CA THR B 63 -20.08 9.73 18.74
C THR B 63 -21.30 9.70 17.81
N THR B 64 -22.03 10.78 17.79
CA THR B 64 -23.24 10.89 16.99
C THR B 64 -23.05 11.85 15.82
N PHE B 65 -23.44 11.42 14.61
CA PHE B 65 -23.09 12.13 13.37
C PHE B 65 -24.37 12.39 12.59
N LYS B 66 -24.41 13.48 11.83
CA LYS B 66 -25.52 13.78 10.93
C LYS B 66 -25.01 14.02 9.53
N LYS B 67 -25.63 13.38 8.54
CA LYS B 67 -25.19 13.59 7.16
C LYS B 67 -25.18 15.07 6.77
N THR B 68 -24.14 15.47 6.04
CA THR B 68 -23.96 16.85 5.52
C THR B 68 -24.48 16.93 4.09
N SER B 69 -24.61 18.15 3.57
CA SER B 69 -25.07 18.34 2.20
C SER B 69 -23.96 18.10 1.17
N ASP B 70 -22.77 17.72 1.62
CA ASP B 70 -21.70 17.36 0.73
C ASP B 70 -22.06 16.16 -0.15
N ASP B 71 -21.53 16.16 -1.37
CA ASP B 71 -21.64 15.00 -2.26
C ASP B 71 -21.05 13.81 -1.62
N GLY B 72 -21.56 12.65 -1.99
CA GLY B 72 -21.08 11.39 -1.44
C GLY B 72 -21.60 11.13 -0.05
N GLU B 73 -20.79 10.48 0.78
CA GLU B 73 -21.18 10.13 2.15
C GLU B 73 -20.27 10.84 3.13
N VAL B 74 -20.73 12.01 3.58
CA VAL B 74 -20.04 12.84 4.53
C VAL B 74 -20.96 13.15 5.72
N TYR B 75 -20.41 13.02 6.92
CA TYR B 75 -21.16 13.10 8.15
C TYR B 75 -20.40 14.01 9.08
N TYR B 76 -21.12 14.69 9.94
CA TYR B 76 -20.51 15.65 10.87
C TYR B 76 -21.06 15.52 12.28
N SER B 77 -20.16 15.41 13.23
CA SER B 77 -20.48 15.49 14.68
C SER B 77 -20.14 16.85 15.25
N GLU B 78 -21.14 17.68 15.52
CA GLU B 78 -20.91 18.98 16.18
C GLU B 78 -20.29 18.83 17.57
N GLU B 79 -20.71 17.78 18.29
CA GLU B 79 -20.21 17.53 19.65
C GLU B 79 -18.72 17.22 19.71
N ALA B 80 -18.27 16.43 18.74
CA ALA B 80 -16.85 16.03 18.64
C ALA B 80 -16.03 16.96 17.72
N GLU B 81 -16.71 17.88 17.07
CA GLU B 81 -16.10 18.73 16.03
C GLU B 81 -15.37 17.91 14.99
N LYS B 82 -16.07 16.99 14.40
CA LYS B 82 -15.47 15.96 13.59
C LYS B 82 -16.25 15.70 12.33
N THR B 83 -15.55 15.66 11.19
CA THR B 83 -16.13 15.32 9.92
C THR B 83 -15.57 13.98 9.49
N VAL B 84 -16.45 13.10 9.01
CA VAL B 84 -16.02 11.82 8.43
C VAL B 84 -16.55 11.72 6.99
N GLU B 85 -15.65 11.39 6.08
CA GLU B 85 -15.98 11.20 4.67
C GLU B 85 -15.62 9.77 4.25
N VAL B 86 -16.55 9.07 3.61
CA VAL B 86 -16.25 7.77 3.03
C VAL B 86 -15.58 7.92 1.66
N LEU B 87 -14.32 7.54 1.56
CA LEU B 87 -13.53 7.66 0.34
C LEU B 87 -13.87 6.52 -0.60
N ASP B 88 -13.98 5.32 -0.06
CA ASP B 88 -14.29 4.16 -0.89
C ASP B 88 -14.93 3.10 -0.03
N THR B 89 -15.96 2.46 -0.54
CA THR B 89 -16.60 1.38 0.17
C THR B 89 -17.28 0.45 -0.82
N ASP B 90 -17.47 -0.80 -0.42
CA ASP B 90 -18.39 -1.70 -1.16
C ASP B 90 -19.74 -1.86 -0.45
N TYR B 91 -19.95 -1.07 0.61
CA TYR B 91 -21.18 -1.08 1.39
C TYR B 91 -21.48 -2.44 2.06
N LYS B 92 -20.47 -3.31 2.11
CA LYS B 92 -20.64 -4.73 2.43
C LYS B 92 -19.50 -5.32 3.29
N SER B 93 -18.25 -5.01 2.96
CA SER B 93 -17.13 -5.70 3.63
C SER B 93 -16.06 -4.75 4.16
N TYR B 94 -15.95 -3.60 3.53
CA TYR B 94 -14.97 -2.60 3.98
C TYR B 94 -15.40 -1.17 3.66
N ALA B 95 -14.80 -0.21 4.39
CA ALA B 95 -14.96 1.21 4.08
C ALA B 95 -13.71 1.95 4.48
N VAL B 96 -13.25 2.82 3.58
CA VAL B 96 -12.10 3.70 3.92
C VAL B 96 -12.65 5.09 4.29
N ILE B 97 -12.31 5.53 5.51
CA ILE B 97 -12.90 6.73 6.06
C ILE B 97 -11.79 7.78 6.21
N PHE B 98 -12.07 9.01 5.82
CA PHE B 98 -11.15 10.11 6.04
C PHE B 98 -11.80 11.02 7.04
N ALA B 99 -11.17 11.16 8.20
CA ALA B 99 -11.69 11.97 9.28
C ALA B 99 -10.88 13.23 9.53
N THR B 100 -11.58 14.31 9.90
CA THR B 100 -10.98 15.59 10.25
C THR B 100 -11.57 16.00 11.57
N ARG B 101 -10.75 16.44 12.51
CA ARG B 101 -11.28 16.91 13.78
C ARG B 101 -10.43 18.07 14.25
N VAL B 102 -11.08 18.99 14.91
CA VAL B 102 -10.42 20.10 15.54
C VAL B 102 -10.13 19.78 16.99
N LYS B 103 -8.87 19.84 17.39
CA LYS B 103 -8.52 19.55 18.78
C LYS B 103 -7.33 20.33 19.27
N ASP B 104 -7.44 20.85 20.49
CA ASP B 104 -6.31 21.48 21.15
C ASP B 104 -5.67 22.52 20.26
N GLY B 105 -6.48 23.26 19.49
CA GLY B 105 -5.94 24.39 18.73
C GLY B 105 -5.46 24.07 17.34
N ARG B 106 -5.74 22.85 16.86
CA ARG B 106 -5.30 22.43 15.51
C ARG B 106 -6.29 21.48 14.84
N THR B 107 -6.13 21.36 13.54
CA THR B 107 -6.96 20.44 12.78
C THR B 107 -6.13 19.20 12.54
N LEU B 108 -6.73 18.08 12.85
CA LEU B 108 -6.12 16.79 12.73
C LEU B 108 -6.84 16.00 11.65
N HIS B 109 -6.12 15.18 10.92
CA HIS B 109 -6.71 14.27 9.98
C HIS B 109 -6.25 12.82 10.26
N MET B 110 -7.09 11.87 9.96
CA MET B 110 -6.76 10.44 10.09
C MET B 110 -7.58 9.63 9.13
N MET B 111 -6.96 8.63 8.53
CA MET B 111 -7.70 7.69 7.69
C MET B 111 -7.90 6.42 8.50
N ARG B 112 -9.08 5.83 8.37
CA ARG B 112 -9.38 4.60 9.10
C ARG B 112 -9.93 3.59 8.10
N LEU B 113 -9.52 2.33 8.24
CA LEU B 113 -10.07 1.22 7.47
C LEU B 113 -11.01 0.44 8.34
N TYR B 114 -12.27 0.45 7.95
CA TYR B 114 -13.33 -0.35 8.58
C TYR B 114 -13.45 -1.65 7.78
N SER B 115 -13.57 -2.78 8.51
CA SER B 115 -13.71 -4.13 7.95
C SER B 115 -14.77 -4.89 8.73
N ARG B 116 -15.67 -5.63 8.05
CA ARG B 116 -16.62 -6.48 8.75
C ARG B 116 -15.92 -7.66 9.44
N SER B 117 -14.84 -8.12 8.84
CA SER B 117 -14.04 -9.19 9.40
C SER B 117 -12.80 -8.66 10.12
N ARG B 118 -12.46 -9.34 11.21
CA ARG B 118 -11.27 -8.97 11.96
C ARG B 118 -10.07 -9.15 11.10
N GLU B 119 -10.15 -10.09 10.14
CA GLU B 119 -9.10 -10.30 9.18
C GLU B 119 -9.38 -9.53 7.91
N VAL B 120 -8.57 -8.50 7.71
CA VAL B 120 -8.76 -7.58 6.60
C VAL B 120 -8.48 -8.30 5.29
N SER B 121 -9.33 -8.06 4.30
CA SER B 121 -9.06 -8.63 2.96
C SER B 121 -7.86 -7.99 2.26
N PRO B 122 -7.20 -8.72 1.34
CA PRO B 122 -6.12 -8.09 0.62
C PRO B 122 -6.56 -6.91 -0.20
N THR B 123 -7.79 -6.96 -0.75
CA THR B 123 -8.30 -5.88 -1.58
C THR B 123 -8.53 -4.63 -0.77
N ALA B 124 -9.14 -4.78 0.40
CA ALA B 124 -9.35 -3.61 1.30
C ALA B 124 -8.05 -2.96 1.78
N MET B 125 -7.07 -3.78 2.17
CA MET B 125 -5.79 -3.24 2.62
C MET B 125 -5.05 -2.50 1.51
N ALA B 126 -5.02 -3.06 0.30
CA ALA B 126 -4.42 -2.40 -0.87
C ALA B 126 -5.09 -1.07 -1.25
N ILE B 127 -6.40 -1.03 -1.24
CA ILE B 127 -7.11 0.22 -1.49
C ILE B 127 -6.78 1.28 -0.43
N PHE B 128 -6.80 0.87 0.84
CA PHE B 128 -6.50 1.77 1.94
C PHE B 128 -5.10 2.35 1.77
N ARG B 129 -4.10 1.51 1.47
CA ARG B 129 -2.73 2.00 1.41
C ARG B 129 -2.56 2.92 0.22
N LYS B 130 -3.25 2.60 -0.87
CA LYS B 130 -3.26 3.44 -2.09
C LYS B 130 -3.82 4.83 -1.80
N LEU B 131 -4.97 4.91 -1.13
CA LEU B 131 -5.58 6.23 -0.82
C LEU B 131 -4.76 6.98 0.22
N ALA B 132 -4.14 6.24 1.16
CA ALA B 132 -3.27 6.87 2.12
C ALA B 132 -2.05 7.47 1.42
N ARG B 133 -1.43 6.71 0.52
CA ARG B 133 -0.28 7.22 -0.23
C ARG B 133 -0.64 8.49 -1.01
N GLU B 134 -1.83 8.56 -1.57
CA GLU B 134 -2.23 9.76 -2.31
C GLU B 134 -2.33 10.98 -1.40
N ARG B 135 -2.54 10.76 -0.11
CA ARG B 135 -2.64 11.86 0.85
C ARG B 135 -1.38 11.94 1.75
N ASN B 136 -0.27 11.40 1.22
CA ASN B 136 1.06 11.54 1.80
C ASN B 136 1.21 10.81 3.12
N TYR B 137 0.43 9.75 3.30
CA TYR B 137 0.63 8.83 4.41
C TYR B 137 1.31 7.57 3.92
N THR B 138 2.62 7.54 4.09
CA THR B 138 3.42 6.41 3.67
C THR B 138 3.43 5.31 4.74
N ASP B 139 4.14 4.22 4.45
CA ASP B 139 4.13 3.06 5.35
C ASP B 139 4.49 3.42 6.78
N GLU B 140 5.39 4.40 6.96
CA GLU B 140 5.82 4.86 8.29
C GLU B 140 4.63 5.46 9.08
N MET B 141 3.62 5.91 8.35
CA MET B 141 2.46 6.57 8.91
C MET B 141 1.20 5.68 8.96
N VAL B 142 1.37 4.42 8.56
CA VAL B 142 0.29 3.44 8.55
C VAL B 142 0.47 2.44 9.71
N ALA B 143 -0.61 2.23 10.46
CA ALA B 143 -0.64 1.26 11.54
C ALA B 143 -1.62 0.16 11.14
N VAL B 144 -1.13 -1.07 11.01
CA VAL B 144 -1.98 -2.25 10.81
C VAL B 144 -2.28 -2.83 12.18
N LEU B 145 -3.50 -2.65 12.62
CA LEU B 145 -3.80 -2.81 14.05
C LEU B 145 -3.91 -4.27 14.41
N PRO B 146 -3.10 -4.71 15.41
CA PRO B 146 -3.27 -6.10 15.87
C PRO B 146 -4.65 -6.36 16.49
N SER B 147 -5.19 -7.56 16.26
CA SER B 147 -6.45 -7.99 16.93
C SER B 147 -6.35 -8.04 18.45
N GLN B 148 -7.50 -7.89 19.09
CA GLN B 148 -7.65 -8.08 20.50
C GLN B 148 -9.12 -8.44 20.77
N ALA B 149 -9.29 -9.36 21.70
CA ALA B 149 -10.59 -9.96 22.02
C ALA B 149 -11.30 -9.27 23.15
N ALA B 150 -10.54 -8.72 24.11
CA ALA B 150 -11.11 -8.50 25.44
C ALA B 150 -11.90 -7.21 25.53
N CYS B 151 -11.64 -6.27 24.61
CA CYS B 151 -12.27 -4.96 24.62
C CYS B 151 -13.26 -4.89 23.44
N SER B 152 -14.56 -4.94 23.73
CA SER B 152 -15.56 -4.99 22.67
C SER B 152 -16.73 -4.13 23.04
N VAL B 153 -17.55 -3.81 22.05
CA VAL B 153 -18.82 -3.15 22.27
C VAL B 153 -19.88 -4.06 22.88
N ASP B 154 -20.14 -5.19 22.27
CA ASP B 154 -21.11 -6.17 22.86
C ASP B 154 -22.60 -5.70 23.00
#